data_8OHJ
#
_entry.id   8OHJ
#
_cell.length_a   118.780
_cell.length_b   39.230
_cell.length_c   68.370
_cell.angle_alpha   90.000
_cell.angle_beta   95.630
_cell.angle_gamma   90.000
#
_symmetry.space_group_name_H-M   'C 1 2 1'
#
loop_
_entity.id
_entity.type
_entity.pdbx_description
1 polymer 'Cyclic di-AMP synthase CdaA'
2 non-polymer N-ethyl-2-{[5-(propan-2-yl)-1,3,4-oxadiazol-2-yl]sulfanyl}acetamide
3 non-polymer 'MAGNESIUM ION'
4 water water
#
_entity_poly.entity_id   1
_entity_poly.type   'polypeptide(L)'
_entity_poly.pdbx_seq_one_letter_code
;GPTPVEEAQQKTIEAITKAINYMAKRRIGALLTIERDTGMGDYIETGIPLNAKVSSELLINIFIPNTPLHDGAVIMKNNE
IAAAACYLPLSESPFISKELGTRHRAAVGISEVTDSLTIIVSEETGGVSVAKNGDLHRELTEEALKEMLEAEFK
;
_entity_poly.pdbx_strand_id   A,B
#
# COMPACT_ATOMS: atom_id res chain seq x y z
N PRO A 2 -23.25 -18.15 6.06
CA PRO A 2 -22.80 -17.67 4.76
C PRO A 2 -21.70 -18.53 4.16
N THR A 3 -21.58 -18.52 2.82
CA THR A 3 -20.54 -19.28 2.15
C THR A 3 -19.20 -18.57 2.33
N PRO A 4 -18.10 -19.21 1.93
CA PRO A 4 -16.81 -18.48 1.92
C PRO A 4 -16.83 -17.29 0.98
N VAL A 5 -17.47 -17.42 -0.18
CA VAL A 5 -17.51 -16.33 -1.15
C VAL A 5 -18.33 -15.17 -0.59
N GLU A 6 -19.42 -15.46 0.10
CA GLU A 6 -20.27 -14.42 0.66
C GLU A 6 -19.55 -13.67 1.78
N GLU A 7 -18.86 -14.41 2.65
CA GLU A 7 -18.13 -13.76 3.74
C GLU A 7 -17.01 -12.88 3.19
N ALA A 8 -16.35 -13.32 2.11
CA ALA A 8 -15.29 -12.52 1.53
C ALA A 8 -15.83 -11.22 0.93
N GLN A 9 -16.99 -11.29 0.28
CA GLN A 9 -17.58 -10.09 -0.31
C GLN A 9 -17.96 -9.09 0.78
N GLN A 10 -18.53 -9.57 1.89
CA GLN A 10 -18.90 -8.67 2.97
C GLN A 10 -17.66 -8.05 3.62
N LYS A 11 -16.61 -8.84 3.82
CA LYS A 11 -15.37 -8.30 4.38
C LYS A 11 -14.83 -7.18 3.51
N THR A 12 -14.88 -7.36 2.19
CA THR A 12 -14.38 -6.32 1.29
C THR A 12 -15.24 -5.07 1.34
N ILE A 13 -16.57 -5.24 1.37
CA ILE A 13 -17.45 -4.08 1.48
C ILE A 13 -17.13 -3.31 2.76
N GLU A 14 -16.92 -4.03 3.87
CA GLU A 14 -16.63 -3.36 5.13
C GLU A 14 -15.29 -2.61 5.08
N ALA A 15 -14.28 -3.22 4.45
CA ALA A 15 -12.99 -2.54 4.32
C ALA A 15 -13.13 -1.27 3.49
N ILE A 16 -13.90 -1.34 2.40
CA ILE A 16 -14.10 -0.16 1.56
C ILE A 16 -14.82 0.94 2.35
N THR A 17 -15.92 0.60 3.01
CA THR A 17 -16.69 1.63 3.70
C THR A 17 -15.89 2.27 4.82
N LYS A 18 -15.10 1.48 5.53
CA LYS A 18 -14.26 2.03 6.59
C LYS A 18 -13.24 3.01 6.02
N ALA A 19 -12.61 2.65 4.91
CA ALA A 19 -11.63 3.55 4.29
C ALA A 19 -12.30 4.82 3.78
N ILE A 20 -13.45 4.67 3.12
CA ILE A 20 -14.16 5.84 2.59
C ILE A 20 -14.56 6.78 3.73
N ASN A 21 -15.05 6.23 4.84
CA ASN A 21 -15.44 7.07 5.97
C ASN A 21 -14.26 7.86 6.51
N TYR A 22 -13.11 7.19 6.67
CA TYR A 22 -11.90 7.87 7.14
C TYR A 22 -11.53 9.02 6.22
N MET A 23 -11.60 8.79 4.91
CA MET A 23 -11.17 9.80 3.95
C MET A 23 -12.18 10.93 3.86
N ALA A 24 -13.47 10.61 3.95
CA ALA A 24 -14.48 11.67 3.95
C ALA A 24 -14.31 12.59 5.14
N LYS A 25 -14.03 12.02 6.31
CA LYS A 25 -13.87 12.83 7.53
C LYS A 25 -12.71 13.80 7.40
N ARG A 26 -11.64 13.40 6.72
CA ARG A 26 -10.45 14.22 6.56
C ARG A 26 -10.42 14.95 5.23
N ARG A 27 -11.45 14.80 4.41
CA ARG A 27 -11.51 15.45 3.09
C ARG A 27 -10.30 15.11 2.24
N ILE A 28 -9.97 13.82 2.23
CA ILE A 28 -8.93 13.28 1.37
C ILE A 28 -9.59 12.82 0.08
N GLY A 29 -9.17 13.41 -1.05
CA GLY A 29 -9.72 13.00 -2.32
C GLY A 29 -9.38 11.55 -2.63
N ALA A 30 -10.35 10.83 -3.20
CA ALA A 30 -10.13 9.43 -3.50
C ALA A 30 -10.99 9.02 -4.70
N LEU A 31 -10.51 8.01 -5.41
CA LEU A 31 -11.14 7.55 -6.65
C LEU A 31 -10.92 6.04 -6.68
N LEU A 32 -12.01 5.28 -6.56
CA LEU A 32 -11.93 3.84 -6.38
C LEU A 32 -12.96 3.18 -7.30
N THR A 33 -12.47 2.49 -8.33
CA THR A 33 -13.33 1.84 -9.32
C THR A 33 -13.30 0.34 -9.11
N ILE A 34 -14.49 -0.26 -9.07
CA ILE A 34 -14.64 -1.70 -8.91
C ILE A 34 -15.05 -2.27 -10.26
N GLU A 35 -14.16 -3.06 -10.86
CA GLU A 35 -14.46 -3.70 -12.13
C GLU A 35 -15.57 -4.71 -11.96
N ARG A 36 -16.44 -4.81 -12.98
CA ARG A 36 -17.57 -5.74 -12.96
C ARG A 36 -17.45 -6.63 -14.18
N ASP A 37 -18.50 -6.74 -14.99
CA ASP A 37 -18.47 -7.63 -16.15
C ASP A 37 -17.62 -7.07 -17.27
N THR A 38 -17.58 -5.76 -17.44
CA THR A 38 -16.76 -5.16 -18.50
C THR A 38 -15.30 -5.15 -18.06
N GLY A 39 -14.44 -5.80 -18.83
CA GLY A 39 -13.03 -5.86 -18.47
C GLY A 39 -12.38 -4.48 -18.57
N MET A 40 -11.48 -4.21 -17.63
CA MET A 40 -10.83 -2.91 -17.53
C MET A 40 -9.31 -3.05 -17.54
N GLY A 41 -8.81 -4.11 -18.16
CA GLY A 41 -7.38 -4.33 -18.17
C GLY A 41 -6.60 -3.18 -18.77
N ASP A 42 -7.16 -2.55 -19.81
CA ASP A 42 -6.45 -1.45 -20.45
C ASP A 42 -6.20 -0.30 -19.49
N TYR A 43 -7.13 -0.06 -18.57
CA TYR A 43 -6.95 1.01 -17.59
C TYR A 43 -6.08 0.54 -16.42
N ILE A 44 -6.27 -0.71 -15.99
CA ILE A 44 -5.41 -1.26 -14.93
C ILE A 44 -3.95 -1.14 -15.33
N GLU A 45 -3.65 -1.38 -16.61
CA GLU A 45 -2.27 -1.38 -17.07
C GLU A 45 -1.63 0.00 -17.05
N THR A 46 -2.41 1.07 -16.91
CA THR A 46 -1.85 2.41 -16.85
C THR A 46 -1.31 2.76 -15.47
N GLY A 47 -1.67 1.98 -14.43
CA GLY A 47 -1.29 2.30 -13.08
C GLY A 47 -0.09 1.50 -12.58
N ILE A 48 0.12 1.57 -11.27
CA ILE A 48 1.17 0.83 -10.59
C ILE A 48 0.59 -0.51 -10.17
N PRO A 49 1.13 -1.64 -10.63
CA PRO A 49 0.56 -2.93 -10.24
C PRO A 49 0.70 -3.19 -8.74
N LEU A 50 -0.37 -3.70 -8.14
CA LEU A 50 -0.39 -4.11 -6.75
C LEU A 50 -0.83 -5.55 -6.57
N ASN A 51 -1.95 -5.94 -7.19
CA ASN A 51 -2.57 -7.25 -6.96
C ASN A 51 -2.53 -7.61 -5.47
N ALA A 52 -3.05 -6.69 -4.66
CA ALA A 52 -2.94 -6.77 -3.22
C ALA A 52 -4.27 -7.14 -2.59
N LYS A 53 -4.20 -7.81 -1.43
CA LYS A 53 -5.40 -8.05 -0.64
C LYS A 53 -6.00 -6.72 -0.21
N VAL A 54 -7.32 -6.68 -0.16
CA VAL A 54 -8.01 -5.47 0.26
C VAL A 54 -7.90 -5.35 1.77
N SER A 55 -7.65 -4.13 2.23
CA SER A 55 -7.79 -3.78 3.64
C SER A 55 -8.13 -2.30 3.69
N SER A 56 -8.86 -1.90 4.72
CA SER A 56 -9.09 -0.48 4.93
C SER A 56 -7.76 0.26 5.08
N GLU A 57 -6.80 -0.37 5.75
CA GLU A 57 -5.52 0.27 6.00
C GLU A 57 -4.78 0.56 4.70
N LEU A 58 -4.72 -0.43 3.80
CA LEU A 58 -4.03 -0.21 2.53
C LEU A 58 -4.73 0.84 1.69
N LEU A 59 -6.07 0.80 1.63
CA LEU A 59 -6.79 1.82 0.87
C LEU A 59 -6.46 3.22 1.39
N ILE A 60 -6.46 3.39 2.71
CA ILE A 60 -6.14 4.71 3.29
C ILE A 60 -4.71 5.11 2.92
N ASN A 61 -3.75 4.19 3.10
CA ASN A 61 -2.35 4.54 2.83
C ASN A 61 -2.13 4.88 1.36
N ILE A 62 -2.93 4.32 0.46
CA ILE A 62 -2.78 4.63 -0.97
C ILE A 62 -3.13 6.09 -1.23
N PHE A 63 -4.20 6.59 -0.64
CA PHE A 63 -4.77 7.88 -1.01
C PHE A 63 -4.22 9.05 -0.21
N ILE A 64 -3.20 8.84 0.61
CA ILE A 64 -2.69 9.97 1.40
C ILE A 64 -2.20 11.05 0.45
N PRO A 65 -2.56 12.32 0.67
CA PRO A 65 -2.12 13.37 -0.27
C PRO A 65 -0.61 13.47 -0.33
N ASN A 66 -0.10 13.89 -1.48
CA ASN A 66 1.32 14.16 -1.69
C ASN A 66 2.17 12.90 -1.60
N THR A 67 1.61 11.75 -1.95
CA THR A 67 2.32 10.49 -1.97
C THR A 67 2.35 9.95 -3.40
N PRO A 68 3.24 9.00 -3.69
CA PRO A 68 3.31 8.48 -5.07
C PRO A 68 2.00 7.94 -5.61
N LEU A 69 1.21 7.27 -4.78
CA LEU A 69 0.10 6.47 -5.29
C LEU A 69 -1.25 7.19 -5.28
N HIS A 70 -1.32 8.42 -4.78
CA HIS A 70 -2.61 9.03 -4.54
C HIS A 70 -3.23 9.66 -5.79
N ASP A 71 -2.44 9.91 -6.83
CA ASP A 71 -2.94 10.60 -8.02
C ASP A 71 -3.39 9.58 -9.05
N GLY A 72 -4.70 9.49 -9.25
CA GLY A 72 -5.28 8.50 -10.13
C GLY A 72 -6.21 7.58 -9.37
N ALA A 73 -6.71 6.58 -10.09
CA ALA A 73 -7.73 5.69 -9.55
C ALA A 73 -7.10 4.40 -9.05
N VAL A 74 -7.63 3.90 -7.95
CA VAL A 74 -7.47 2.50 -7.58
C VAL A 74 -8.52 1.71 -8.35
N ILE A 75 -8.11 0.60 -8.94
CA ILE A 75 -9.04 -0.29 -9.63
C ILE A 75 -9.01 -1.64 -8.92
N MET A 76 -10.16 -2.09 -8.47
CA MET A 76 -10.31 -3.39 -7.82
C MET A 76 -10.90 -4.39 -8.81
N LYS A 77 -10.43 -5.62 -8.71
CA LYS A 77 -10.85 -6.70 -9.59
C LYS A 77 -10.67 -8.00 -8.83
N ASN A 78 -11.66 -8.88 -8.92
CA ASN A 78 -11.60 -10.20 -8.30
C ASN A 78 -11.23 -10.11 -6.83
N ASN A 79 -11.81 -9.14 -6.13
CA ASN A 79 -11.67 -9.01 -4.68
C ASN A 79 -10.28 -8.58 -4.23
N GLU A 80 -9.48 -8.02 -5.15
CA GLU A 80 -8.16 -7.53 -4.84
C GLU A 80 -7.99 -6.14 -5.42
N ILE A 81 -7.00 -5.41 -4.91
CA ILE A 81 -6.62 -4.13 -5.47
C ILE A 81 -5.65 -4.42 -6.62
N ALA A 82 -6.12 -4.27 -7.86
CA ALA A 82 -5.29 -4.62 -9.01
C ALA A 82 -4.14 -3.64 -9.19
N ALA A 83 -4.46 -2.34 -9.14
CA ALA A 83 -3.47 -1.31 -9.40
C ALA A 83 -3.96 0.00 -8.79
N ALA A 84 -3.01 0.91 -8.57
CA ALA A 84 -3.28 2.25 -8.09
C ALA A 84 -2.72 3.27 -9.09
N ALA A 85 -3.13 4.53 -8.93
CA ALA A 85 -2.65 5.61 -9.78
C ALA A 85 -2.98 5.36 -11.25
N CYS A 86 -4.17 4.80 -11.50
CA CYS A 86 -4.60 4.45 -12.84
C CYS A 86 -5.27 5.64 -13.52
N TYR A 87 -5.12 5.69 -14.85
CA TYR A 87 -5.84 6.66 -15.66
C TYR A 87 -7.27 6.18 -15.91
N LEU A 88 -8.21 7.11 -15.85
CA LEU A 88 -9.59 6.89 -16.26
C LEU A 88 -9.96 8.00 -17.23
N PRO A 89 -10.84 7.72 -18.19
CA PRO A 89 -11.20 8.75 -19.18
C PRO A 89 -12.11 9.80 -18.59
N LEU A 90 -11.89 11.06 -18.96
CA LEU A 90 -12.68 12.16 -18.44
C LEU A 90 -13.99 12.29 -19.22
N SER A 91 -15.09 12.32 -18.50
CA SER A 91 -16.40 12.50 -19.12
C SER A 91 -16.50 13.90 -19.73
N GLU A 92 -17.17 13.99 -20.87
CA GLU A 92 -17.54 15.26 -21.48
C GLU A 92 -19.01 15.59 -21.23
N SER A 93 -19.66 14.88 -20.32
CA SER A 93 -21.08 15.10 -20.08
C SER A 93 -21.29 16.54 -19.59
N PRO A 94 -22.20 17.30 -20.19
CA PRO A 94 -22.51 18.63 -19.65
C PRO A 94 -23.45 18.62 -18.44
N PHE A 95 -23.79 17.44 -17.92
CA PHE A 95 -24.79 17.31 -16.88
C PHE A 95 -24.20 16.91 -15.54
N ILE A 96 -22.89 17.07 -15.38
CA ILE A 96 -22.22 16.92 -14.10
C ILE A 96 -22.22 18.27 -13.40
N SER A 97 -22.47 18.26 -12.09
CA SER A 97 -22.47 19.49 -11.32
C SER A 97 -21.23 20.31 -11.63
N LYS A 98 -21.43 21.60 -11.89
CA LYS A 98 -20.36 22.42 -12.43
C LYS A 98 -19.20 22.59 -11.45
N GLU A 99 -19.47 22.55 -10.15
CA GLU A 99 -18.42 22.78 -9.17
C GLU A 99 -17.46 21.60 -9.04
N LEU A 100 -17.72 20.48 -9.70
CA LEU A 100 -16.90 19.29 -9.52
C LEU A 100 -15.74 19.28 -10.52
N GLY A 101 -14.65 18.66 -10.10
CA GLY A 101 -13.41 18.66 -10.85
C GLY A 101 -13.15 17.34 -11.56
N THR A 102 -11.86 17.10 -11.83
CA THR A 102 -11.48 16.01 -12.73
C THR A 102 -11.67 14.64 -12.09
N ARG A 103 -11.58 14.55 -10.77
CA ARG A 103 -11.82 13.27 -10.10
C ARG A 103 -13.21 12.75 -10.42
N HIS A 104 -14.22 13.59 -10.25
CA HIS A 104 -15.59 13.18 -10.52
C HIS A 104 -15.81 12.98 -12.02
N ARG A 105 -15.19 13.80 -12.86
CA ARG A 105 -15.34 13.62 -14.29
C ARG A 105 -14.71 12.31 -14.75
N ALA A 106 -13.59 11.92 -14.13
CA ALA A 106 -12.96 10.64 -14.45
C ALA A 106 -13.86 9.48 -14.04
N ALA A 107 -14.48 9.57 -12.87
CA ALA A 107 -15.38 8.51 -12.42
C ALA A 107 -16.57 8.38 -13.35
N VAL A 108 -17.21 9.49 -13.69
CA VAL A 108 -18.32 9.43 -14.63
C VAL A 108 -17.84 8.87 -15.96
N GLY A 109 -16.64 9.29 -16.38
CA GLY A 109 -16.13 8.86 -17.69
C GLY A 109 -16.00 7.35 -17.80
N ILE A 110 -15.38 6.72 -16.80
CA ILE A 110 -15.27 5.26 -16.87
C ILE A 110 -16.64 4.61 -16.77
N SER A 111 -17.57 5.22 -16.03
CA SER A 111 -18.91 4.65 -15.89
C SER A 111 -19.71 4.75 -17.18
N GLU A 112 -19.28 5.57 -18.13
CA GLU A 112 -19.98 5.70 -19.40
C GLU A 112 -19.65 4.57 -20.37
N VAL A 113 -18.55 3.86 -20.16
CA VAL A 113 -18.06 2.88 -21.12
C VAL A 113 -17.82 1.53 -20.46
N THR A 114 -18.24 1.40 -19.20
CA THR A 114 -18.15 0.14 -18.49
C THR A 114 -19.34 0.02 -17.55
N ASP A 115 -19.55 -1.19 -17.03
CA ASP A 115 -20.55 -1.41 -16.00
C ASP A 115 -19.97 -1.32 -14.58
N SER A 116 -18.82 -0.66 -14.44
CA SER A 116 -18.15 -0.58 -13.16
C SER A 116 -18.87 0.37 -12.22
N LEU A 117 -18.53 0.27 -10.93
CA LEU A 117 -19.01 1.17 -9.91
C LEU A 117 -17.80 1.92 -9.36
N THR A 118 -17.83 3.24 -9.40
CA THR A 118 -16.72 4.05 -8.91
C THR A 118 -17.20 4.89 -7.73
N ILE A 119 -16.37 4.90 -6.68
CA ILE A 119 -16.61 5.73 -5.50
C ILE A 119 -15.64 6.91 -5.54
N ILE A 120 -16.15 8.09 -5.23
CA ILE A 120 -15.35 9.30 -5.22
C ILE A 120 -15.52 9.97 -3.86
N VAL A 121 -14.41 10.41 -3.26
CA VAL A 121 -14.43 11.30 -2.11
C VAL A 121 -13.91 12.65 -2.57
N SER A 122 -14.66 13.71 -2.28
CA SER A 122 -14.26 15.05 -2.68
C SER A 122 -13.22 15.59 -1.72
N GLU A 123 -12.12 16.13 -2.27
CA GLU A 123 -11.16 16.81 -1.43
C GLU A 123 -11.65 18.18 -0.98
N GLU A 124 -12.70 18.69 -1.61
CA GLU A 124 -13.22 20.01 -1.23
C GLU A 124 -14.17 19.91 -0.03
N THR A 125 -15.02 18.88 -0.01
CA THR A 125 -16.08 18.79 0.98
C THR A 125 -16.05 17.50 1.80
N GLY A 126 -15.29 16.50 1.38
CA GLY A 126 -15.44 15.18 1.95
C GLY A 126 -16.70 14.46 1.56
N GLY A 127 -17.50 15.03 0.66
CA GLY A 127 -18.68 14.34 0.19
C GLY A 127 -18.32 13.07 -0.56
N VAL A 128 -19.20 12.07 -0.42
CA VAL A 128 -19.02 10.77 -1.04
C VAL A 128 -20.03 10.62 -2.16
N SER A 129 -19.57 10.20 -3.34
CA SER A 129 -20.45 10.01 -4.49
C SER A 129 -20.08 8.70 -5.19
N VAL A 130 -21.00 8.23 -6.03
CA VAL A 130 -20.80 7.01 -6.79
C VAL A 130 -21.19 7.28 -8.25
N ALA A 131 -20.34 6.82 -9.17
CA ALA A 131 -20.61 6.90 -10.59
C ALA A 131 -20.93 5.52 -11.14
N LYS A 132 -22.04 5.44 -11.87
CA LYS A 132 -22.45 4.20 -12.52
C LYS A 132 -23.35 4.58 -13.70
N ASN A 133 -23.14 3.92 -14.82
CA ASN A 133 -23.99 4.06 -16.00
C ASN A 133 -24.01 5.48 -16.56
N GLY A 134 -22.99 6.28 -16.27
CA GLY A 134 -22.92 7.63 -16.75
C GLY A 134 -23.51 8.68 -15.83
N ASP A 135 -24.01 8.27 -14.67
CA ASP A 135 -24.61 9.20 -13.72
C ASP A 135 -23.80 9.22 -12.44
N LEU A 136 -23.84 10.37 -11.77
CA LEU A 136 -23.15 10.58 -10.51
C LEU A 136 -24.20 10.76 -9.43
N HIS A 137 -24.11 9.94 -8.38
CA HIS A 137 -25.01 9.98 -7.24
C HIS A 137 -24.25 10.63 -6.10
N ARG A 138 -24.64 11.85 -5.74
CA ARG A 138 -23.84 12.70 -4.89
C ARG A 138 -24.35 12.69 -3.45
N GLU A 139 -23.47 13.12 -2.55
CA GLU A 139 -23.79 13.39 -1.15
C GLU A 139 -24.46 12.17 -0.50
N LEU A 140 -23.74 11.05 -0.57
CA LEU A 140 -24.25 9.79 -0.06
C LEU A 140 -23.96 9.66 1.43
N THR A 141 -24.92 9.09 2.15
CA THR A 141 -24.70 8.69 3.53
C THR A 141 -23.92 7.38 3.55
N GLU A 142 -23.47 7.01 4.76
CA GLU A 142 -22.83 5.71 4.93
C GLU A 142 -23.77 4.59 4.51
N GLU A 143 -25.03 4.66 4.93
CA GLU A 143 -25.98 3.61 4.60
C GLU A 143 -26.23 3.54 3.10
N ALA A 144 -26.29 4.70 2.44
CA ALA A 144 -26.53 4.73 1.01
C ALA A 144 -25.40 4.07 0.24
N LEU A 145 -24.15 4.37 0.60
CA LEU A 145 -23.03 3.74 -0.07
C LEU A 145 -23.04 2.23 0.13
N LYS A 146 -23.30 1.77 1.36
CA LYS A 146 -23.36 0.35 1.63
C LYS A 146 -24.44 -0.33 0.80
N GLU A 147 -25.61 0.29 0.70
CA GLU A 147 -26.69 -0.28 -0.10
C GLU A 147 -26.26 -0.42 -1.56
N MET A 148 -25.55 0.58 -2.08
CA MET A 148 -25.09 0.50 -3.46
C MET A 148 -24.08 -0.63 -3.64
N LEU A 149 -23.13 -0.75 -2.72
CA LEU A 149 -22.15 -1.83 -2.82
C LEU A 149 -22.83 -3.19 -2.73
N GLU A 150 -23.79 -3.35 -1.82
CA GLU A 150 -24.49 -4.62 -1.69
C GLU A 150 -25.34 -4.89 -2.93
N ALA A 151 -26.00 -3.87 -3.46
CA ALA A 151 -26.79 -4.05 -4.66
C ALA A 151 -25.91 -4.45 -5.84
N GLU A 152 -24.72 -3.86 -5.93
CA GLU A 152 -23.80 -4.15 -7.02
C GLU A 152 -23.31 -5.59 -6.94
N PRO B 2 20.21 -12.71 -18.38
CA PRO B 2 19.86 -13.27 -17.08
C PRO B 2 18.54 -14.03 -17.15
N THR B 3 18.27 -14.89 -16.16
CA THR B 3 17.02 -15.61 -16.12
C THR B 3 15.90 -14.68 -15.63
N PRO B 4 14.64 -15.06 -15.88
CA PRO B 4 13.54 -14.28 -15.29
C PRO B 4 13.65 -14.10 -13.79
N VAL B 5 14.10 -15.13 -13.07
CA VAL B 5 14.28 -15.02 -11.63
C VAL B 5 15.28 -13.92 -11.31
N GLU B 6 16.40 -13.91 -12.04
CA GLU B 6 17.43 -12.92 -11.77
C GLU B 6 16.95 -11.51 -12.12
N GLU B 7 16.19 -11.38 -13.21
CA GLU B 7 15.66 -10.07 -13.58
C GLU B 7 14.65 -9.58 -12.54
N ALA B 8 13.79 -10.49 -12.06
CA ALA B 8 12.83 -10.11 -11.02
C ALA B 8 13.55 -9.65 -9.77
N GLN B 9 14.61 -10.36 -9.37
CA GLN B 9 15.39 -9.93 -8.22
C GLN B 9 15.96 -8.53 -8.43
N GLN B 10 16.47 -8.26 -9.63
CA GLN B 10 17.05 -6.95 -9.90
C GLN B 10 15.99 -5.85 -9.81
N LYS B 11 14.79 -6.12 -10.33
CA LYS B 11 13.71 -5.14 -10.24
C LYS B 11 13.33 -4.89 -8.78
N THR B 12 13.26 -5.94 -7.98
CA THR B 12 12.91 -5.77 -6.57
C THR B 12 13.98 -4.98 -5.83
N ILE B 13 15.26 -5.25 -6.09
CA ILE B 13 16.33 -4.48 -5.47
C ILE B 13 16.23 -3.01 -5.87
N GLU B 14 15.95 -2.74 -7.15
CA GLU B 14 15.83 -1.35 -7.61
C GLU B 14 14.67 -0.65 -6.90
N ALA B 15 13.54 -1.34 -6.74
CA ALA B 15 12.40 -0.74 -6.06
C ALA B 15 12.72 -0.46 -4.60
N ILE B 16 13.40 -1.39 -3.93
CA ILE B 16 13.74 -1.19 -2.52
C ILE B 16 14.69 0.00 -2.38
N THR B 17 15.75 0.03 -3.19
CA THR B 17 16.74 1.09 -3.03
C THR B 17 16.14 2.45 -3.33
N LYS B 18 15.26 2.53 -4.35
CA LYS B 18 14.62 3.81 -4.66
C LYS B 18 13.77 4.28 -3.49
N ALA B 19 13.01 3.37 -2.89
CA ALA B 19 12.17 3.75 -1.76
C ALA B 19 12.99 4.15 -0.55
N ILE B 20 14.04 3.38 -0.24
CA ILE B 20 14.86 3.69 0.92
C ILE B 20 15.55 5.05 0.75
N ASN B 21 16.08 5.31 -0.45
CA ASN B 21 16.73 6.60 -0.68
C ASN B 21 15.75 7.75 -0.51
N TYR B 22 14.54 7.61 -1.06
CA TYR B 22 13.50 8.64 -0.90
C TYR B 22 13.20 8.89 0.57
N MET B 23 13.02 7.82 1.34
CA MET B 23 12.63 7.96 2.74
C MET B 23 13.77 8.52 3.58
N ALA B 24 15.01 8.11 3.27
CA ALA B 24 16.15 8.65 4.00
C ALA B 24 16.27 10.16 3.80
N LYS B 25 16.07 10.64 2.57
CA LYS B 25 16.18 12.06 2.31
C LYS B 25 15.13 12.86 3.07
N ARG B 26 13.95 12.29 3.28
CA ARG B 26 12.86 12.97 3.95
C ARG B 26 12.73 12.59 5.41
N ARG B 27 13.66 11.80 5.94
CA ARG B 27 13.66 11.42 7.34
C ARG B 27 12.38 10.66 7.70
N ILE B 28 11.92 9.81 6.79
CA ILE B 28 10.76 8.97 7.00
C ILE B 28 11.25 7.66 7.61
N GLY B 29 10.86 7.40 8.86
CA GLY B 29 11.28 6.17 9.50
C GLY B 29 10.69 4.96 8.80
N ALA B 30 11.52 3.93 8.64
CA ALA B 30 11.08 2.74 7.94
C ALA B 30 11.79 1.51 8.50
N LEU B 31 11.10 0.38 8.41
CA LEU B 31 11.58 -0.90 8.93
C LEU B 31 11.15 -1.97 7.93
N LEU B 32 12.10 -2.53 7.20
CA LEU B 32 11.80 -3.41 6.07
C LEU B 32 12.64 -4.67 6.19
N THR B 33 11.99 -5.79 6.44
CA THR B 33 12.66 -7.08 6.60
C THR B 33 12.44 -7.93 5.35
N ILE B 34 13.53 -8.43 4.79
CA ILE B 34 13.50 -9.31 3.63
C ILE B 34 13.73 -10.73 4.13
N GLU B 35 12.69 -11.55 4.04
CA GLU B 35 12.80 -12.95 4.43
C GLU B 35 13.78 -13.65 3.50
N ARG B 36 14.57 -14.58 4.08
CA ARG B 36 15.54 -15.35 3.31
C ARG B 36 15.15 -16.82 3.43
N ASP B 37 16.05 -17.69 3.89
CA ASP B 37 15.76 -19.10 3.95
C ASP B 37 15.01 -19.50 5.22
N THR B 38 15.10 -18.71 6.28
CA THR B 38 14.35 -18.97 7.50
C THR B 38 12.97 -18.33 7.38
N GLY B 39 11.93 -19.16 7.36
CA GLY B 39 10.59 -18.64 7.18
C GLY B 39 10.13 -17.82 8.38
N MET B 40 9.43 -16.73 8.09
N MET B 40 9.39 -16.76 8.09
CA MET B 40 9.00 -15.78 9.12
CA MET B 40 8.95 -15.80 9.11
C MET B 40 7.48 -15.68 9.19
C MET B 40 7.42 -15.68 9.13
N GLY B 41 6.79 -16.77 8.84
N GLY B 41 6.73 -16.79 8.89
CA GLY B 41 5.35 -16.74 8.83
CA GLY B 41 5.28 -16.73 8.86
C GLY B 41 4.73 -16.26 10.13
C GLY B 41 4.67 -16.24 10.16
N ASP B 42 5.33 -16.65 11.27
N ASP B 42 5.27 -16.63 11.29
CA ASP B 42 4.77 -16.25 12.55
CA ASP B 42 4.71 -16.24 12.59
C ASP B 42 4.74 -14.73 12.70
C ASP B 42 4.66 -14.72 12.73
N TYR B 43 5.73 -14.05 12.14
N TYR B 43 5.66 -14.03 12.19
CA TYR B 43 5.76 -12.58 12.23
CA TYR B 43 5.71 -12.57 12.26
C TYR B 43 4.91 -11.94 11.15
C TYR B 43 4.93 -11.92 11.13
N ILE B 44 4.92 -12.52 9.94
CA ILE B 44 4.06 -12.01 8.87
C ILE B 44 2.60 -12.00 9.32
N GLU B 45 2.18 -13.05 10.03
N GLU B 45 2.18 -13.05 10.03
CA GLU B 45 0.78 -13.18 10.43
CA GLU B 45 0.78 -13.17 10.44
C GLU B 45 0.37 -12.18 11.51
C GLU B 45 0.37 -12.16 11.50
N THR B 46 1.32 -11.45 12.10
CA THR B 46 0.96 -10.42 13.08
C THR B 46 0.56 -9.10 12.44
N GLY B 47 0.84 -8.91 11.15
CA GLY B 47 0.60 -7.65 10.48
C GLY B 47 -0.66 -7.67 9.65
N ILE B 48 -0.80 -6.64 8.81
CA ILE B 48 -1.91 -6.53 7.87
C ILE B 48 -1.51 -7.23 6.58
N PRO B 49 -2.23 -8.24 6.13
CA PRO B 49 -1.82 -8.94 4.89
C PRO B 49 -1.95 -8.03 3.68
N LEU B 50 -0.92 -8.02 2.86
CA LEU B 50 -0.94 -7.33 1.57
C LEU B 50 -0.73 -8.29 0.41
N ASN B 51 0.30 -9.14 0.46
CA ASN B 51 0.64 -10.03 -0.63
C ASN B 51 0.67 -9.28 -1.95
N ALA B 52 1.33 -8.13 -1.93
CA ALA B 52 1.30 -7.18 -3.03
C ALA B 52 2.61 -7.22 -3.82
N LYS B 53 2.50 -6.95 -5.12
CA LYS B 53 3.70 -6.78 -5.93
C LYS B 53 4.52 -5.61 -5.40
N VAL B 54 5.84 -5.75 -5.49
CA VAL B 54 6.72 -4.71 -4.97
C VAL B 54 6.70 -3.52 -5.92
N SER B 55 6.73 -2.32 -5.34
CA SER B 55 7.01 -1.11 -6.08
C SER B 55 7.62 -0.12 -5.10
N SER B 56 8.47 0.78 -5.60
CA SER B 56 9.00 1.82 -4.74
C SER B 56 7.85 2.68 -4.21
N GLU B 57 6.84 2.91 -5.04
CA GLU B 57 5.72 3.77 -4.66
C GLU B 57 4.95 3.18 -3.48
N LEU B 58 4.67 1.87 -3.53
CA LEU B 58 3.93 1.25 -2.42
C LEU B 58 4.75 1.25 -1.14
N LEU B 59 6.05 0.94 -1.24
CA LEU B 59 6.90 0.95 -0.06
C LEU B 59 6.89 2.33 0.60
N ILE B 60 7.03 3.39 -0.21
CA ILE B 60 7.02 4.74 0.33
C ILE B 60 5.67 5.03 1.00
N ASN B 61 4.58 4.75 0.29
CA ASN B 61 3.25 5.04 0.83
C ASN B 61 3.02 4.35 2.17
N ILE B 62 3.56 3.14 2.32
CA ILE B 62 3.31 2.37 3.54
C ILE B 62 3.86 3.11 4.77
N PHE B 63 5.03 3.72 4.63
CA PHE B 63 5.73 4.27 5.78
C PHE B 63 5.44 5.74 6.05
N ILE B 64 4.53 6.37 5.30
CA ILE B 64 4.25 7.78 5.56
C ILE B 64 3.81 7.95 7.01
N PRO B 65 4.34 8.91 7.76
CA PRO B 65 3.97 9.01 9.18
C PRO B 65 2.48 9.25 9.36
N ASN B 66 1.97 8.80 10.50
CA ASN B 66 0.60 9.04 10.93
C ASN B 66 -0.43 8.35 10.03
N THR B 67 -0.06 7.21 9.44
CA THR B 67 -0.96 6.42 8.61
C THR B 67 -1.16 5.05 9.21
N PRO B 68 -2.21 4.32 8.79
CA PRO B 68 -2.48 3.02 9.40
C PRO B 68 -1.34 2.02 9.32
N LEU B 69 -0.53 2.05 8.26
CA LEU B 69 0.44 0.99 8.02
C LEU B 69 1.86 1.34 8.43
N HIS B 70 2.12 2.55 8.92
CA HIS B 70 3.50 3.00 9.07
C HIS B 70 4.22 2.44 10.30
N ASP B 71 3.48 1.99 11.31
CA ASP B 71 4.10 1.50 12.54
C ASP B 71 4.24 -0.01 12.47
N GLY B 72 5.43 -0.51 12.75
CA GLY B 72 5.75 -1.91 12.58
C GLY B 72 6.54 -2.15 11.31
N ALA B 73 6.85 -3.42 11.09
CA ALA B 73 7.72 -3.81 10.00
C ALA B 73 6.93 -4.22 8.77
N VAL B 74 7.47 -3.89 7.60
CA VAL B 74 7.09 -4.53 6.36
C VAL B 74 7.96 -5.78 6.22
N ILE B 75 7.35 -6.90 5.89
CA ILE B 75 8.07 -8.14 5.63
C ILE B 75 7.86 -8.51 4.17
N MET B 76 8.96 -8.68 3.45
CA MET B 76 8.93 -9.06 2.05
C MET B 76 9.31 -10.53 1.90
N LYS B 77 8.58 -11.21 1.02
CA LYS B 77 8.84 -12.60 0.65
C LYS B 77 9.16 -12.57 -0.85
N ASN B 78 10.43 -12.84 -1.20
CA ASN B 78 10.87 -12.86 -2.58
C ASN B 78 10.51 -11.52 -3.23
N ASN B 79 9.57 -11.52 -4.17
CA ASN B 79 9.21 -10.33 -4.93
C ASN B 79 7.85 -9.78 -4.54
N GLU B 80 7.43 -9.99 -3.30
CA GLU B 80 6.17 -9.47 -2.82
C GLU B 80 6.34 -8.81 -1.46
N ILE B 81 5.49 -7.83 -1.20
CA ILE B 81 5.30 -7.30 0.15
C ILE B 81 4.24 -8.17 0.81
N ALA B 82 4.67 -9.03 1.74
CA ALA B 82 3.74 -9.99 2.32
C ALA B 82 2.77 -9.30 3.27
N ALA B 83 3.28 -8.46 4.16
CA ALA B 83 2.45 -7.80 5.15
C ALA B 83 3.16 -6.55 5.64
N ALA B 84 2.37 -5.65 6.21
CA ALA B 84 2.88 -4.42 6.81
C ALA B 84 2.42 -4.35 8.26
N ALA B 85 3.04 -3.45 9.02
CA ALA B 85 2.70 -3.24 10.43
C ALA B 85 2.89 -4.53 11.25
N CYS B 86 3.95 -5.26 10.94
CA CYS B 86 4.22 -6.52 11.60
C CYS B 86 5.03 -6.31 12.88
N TYR B 87 4.79 -7.19 13.85
CA TYR B 87 5.61 -7.24 15.05
C TYR B 87 6.90 -7.99 14.76
N LEU B 88 7.99 -7.52 15.36
CA LEU B 88 9.27 -8.20 15.39
C LEU B 88 9.77 -8.18 16.82
N PRO B 89 10.54 -9.19 17.23
CA PRO B 89 11.05 -9.22 18.61
C PRO B 89 12.14 -8.19 18.81
N LEU B 90 12.21 -7.65 20.02
CA LEU B 90 13.17 -6.60 20.35
C LEU B 90 14.46 -7.22 20.87
N SER B 91 15.57 -6.85 20.25
CA SER B 91 16.87 -7.33 20.71
C SER B 91 17.27 -6.63 22.00
N GLU B 92 17.96 -7.38 22.87
CA GLU B 92 18.58 -6.83 24.06
C GLU B 92 20.09 -6.69 23.92
N SER B 93 20.58 -6.67 22.68
CA SER B 93 22.02 -6.62 22.47
C SER B 93 22.58 -5.31 22.98
N PRO B 94 23.71 -5.33 23.68
CA PRO B 94 24.35 -4.08 24.13
C PRO B 94 25.09 -3.35 23.02
N PHE B 95 25.16 -3.91 21.81
CA PHE B 95 25.85 -3.27 20.69
C PHE B 95 24.92 -2.47 19.81
N ILE B 96 23.73 -2.13 20.30
CA ILE B 96 22.82 -1.22 19.63
C ILE B 96 23.04 0.15 20.26
N SER B 97 23.42 1.13 19.44
CA SER B 97 23.67 2.48 19.94
C SER B 97 22.53 2.93 20.84
N LYS B 98 22.88 3.50 21.99
CA LYS B 98 21.88 3.78 23.01
C LYS B 98 20.83 4.76 22.54
N GLU B 99 21.17 5.65 21.60
CA GLU B 99 20.23 6.65 21.13
C GLU B 99 19.18 6.09 20.17
N LEU B 100 19.35 4.86 19.70
CA LEU B 100 18.44 4.30 18.71
C LEU B 100 17.16 3.78 19.35
N GLY B 101 16.07 3.84 18.59
CA GLY B 101 14.75 3.51 19.08
C GLY B 101 14.30 2.10 18.73
N THR B 102 12.99 1.90 18.77
CA THR B 102 12.44 0.55 18.69
C THR B 102 12.61 -0.07 17.31
N ARG B 103 12.59 0.74 16.24
CA ARG B 103 12.76 0.17 14.91
C ARG B 103 14.08 -0.59 14.80
N HIS B 104 15.16 0.02 15.29
CA HIS B 104 16.47 -0.63 15.19
C HIS B 104 16.55 -1.85 16.11
N ARG B 105 15.95 -1.78 17.29
CA ARG B 105 15.99 -2.92 18.20
C ARG B 105 15.14 -4.07 17.66
N ALA B 106 14.03 -3.76 17.00
CA ALA B 106 13.23 -4.79 16.35
C ALA B 106 13.99 -5.44 15.20
N ALA B 107 14.71 -4.62 14.42
CA ALA B 107 15.46 -5.16 13.29
C ALA B 107 16.56 -6.10 13.76
N VAL B 108 17.35 -5.69 14.77
CA VAL B 108 18.36 -6.58 15.29
C VAL B 108 17.71 -7.83 15.90
N GLY B 109 16.55 -7.64 16.53
CA GLY B 109 15.87 -8.76 17.17
C GLY B 109 15.49 -9.86 16.19
N ILE B 110 14.90 -9.49 15.05
CA ILE B 110 14.55 -10.51 14.07
C ILE B 110 15.81 -11.10 13.45
N SER B 111 16.87 -10.30 13.31
CA SER B 111 18.11 -10.80 12.73
C SER B 111 18.80 -11.82 13.63
N GLU B 112 18.42 -11.88 14.91
CA GLU B 112 19.02 -12.84 15.84
C GLU B 112 18.40 -14.23 15.74
N VAL B 113 17.23 -14.36 15.11
CA VAL B 113 16.52 -15.63 15.07
C VAL B 113 16.18 -16.04 13.64
N THR B 114 16.69 -15.28 12.68
CA THR B 114 16.48 -15.59 11.27
C THR B 114 17.72 -15.17 10.49
N ASP B 115 17.81 -15.66 9.26
CA ASP B 115 18.83 -15.20 8.32
C ASP B 115 18.34 -14.05 7.46
N SER B 116 17.32 -13.33 7.90
CA SER B 116 16.76 -12.25 7.11
C SER B 116 17.70 -11.04 7.11
N LEU B 117 17.46 -10.14 6.16
CA LEU B 117 18.14 -8.86 6.09
C LEU B 117 17.10 -7.78 6.31
N THR B 118 17.35 -6.91 7.28
CA THR B 118 16.41 -5.84 7.61
C THR B 118 17.09 -4.50 7.38
N ILE B 119 16.38 -3.60 6.70
CA ILE B 119 16.83 -2.24 6.45
C ILE B 119 16.02 -1.31 7.36
N ILE B 120 16.70 -0.34 7.97
CA ILE B 120 16.06 0.63 8.83
C ILE B 120 16.44 2.03 8.37
N VAL B 121 15.46 2.92 8.29
CA VAL B 121 15.71 4.35 8.08
C VAL B 121 15.37 5.06 9.38
N SER B 122 16.29 5.87 9.87
CA SER B 122 16.07 6.60 11.11
C SER B 122 15.23 7.84 10.83
N GLU B 123 14.16 8.01 11.60
CA GLU B 123 13.37 9.23 11.52
C GLU B 123 14.07 10.42 12.16
N GLU B 124 15.13 10.19 12.92
CA GLU B 124 15.85 11.29 13.56
C GLU B 124 16.91 11.87 12.65
N THR B 125 17.66 11.03 11.95
CA THR B 125 18.80 11.48 11.16
C THR B 125 18.67 11.18 9.67
N GLY B 126 17.75 10.31 9.27
CA GLY B 126 17.74 9.81 7.91
C GLY B 126 18.78 8.77 7.60
N GLY B 127 19.59 8.38 8.59
CA GLY B 127 20.59 7.37 8.35
C GLY B 127 19.97 6.02 8.04
N VAL B 128 20.66 5.27 7.18
CA VAL B 128 20.22 3.95 6.73
C VAL B 128 21.12 2.90 7.36
N SER B 129 20.50 1.87 7.94
CA SER B 129 21.24 0.78 8.57
C SER B 129 20.66 -0.56 8.14
N VAL B 130 21.46 -1.60 8.33
CA VAL B 130 21.06 -2.98 8.04
C VAL B 130 21.36 -3.86 9.25
N ALA B 131 20.41 -4.72 9.58
CA ALA B 131 20.58 -5.73 10.62
C ALA B 131 20.64 -7.10 9.96
N LYS B 132 21.66 -7.86 10.31
CA LYS B 132 21.83 -9.22 9.79
C LYS B 132 22.64 -10.00 10.81
N ASN B 133 22.16 -11.19 11.15
CA ASN B 133 22.89 -12.11 12.02
C ASN B 133 23.25 -11.47 13.36
N GLY B 134 22.37 -10.62 13.86
CA GLY B 134 22.56 -10.01 15.17
C GLY B 134 23.42 -8.77 15.19
N ASP B 135 23.91 -8.33 14.04
CA ASP B 135 24.78 -7.15 13.94
C ASP B 135 24.06 -6.03 13.20
N LEU B 136 24.24 -4.81 13.68
CA LEU B 136 23.70 -3.62 13.04
C LEU B 136 24.84 -2.84 12.40
N HIS B 137 24.69 -2.54 11.12
CA HIS B 137 25.65 -1.76 10.35
C HIS B 137 24.99 -0.44 9.98
N ARG B 138 25.55 0.67 10.45
CA ARG B 138 24.88 1.95 10.38
C ARG B 138 25.48 2.85 9.29
N GLU B 139 24.76 3.94 9.01
CA GLU B 139 25.23 5.05 8.17
C GLU B 139 25.68 4.57 6.79
N LEU B 140 24.87 3.72 6.17
CA LEU B 140 25.23 3.16 4.88
C LEU B 140 25.01 4.17 3.77
N THR B 141 25.96 4.21 2.83
CA THR B 141 25.75 4.95 1.60
C THR B 141 24.75 4.21 0.71
N GLU B 142 24.23 4.92 -0.29
CA GLU B 142 23.34 4.26 -1.25
C GLU B 142 24.05 3.10 -1.94
N GLU B 143 25.32 3.31 -2.31
CA GLU B 143 26.07 2.25 -2.97
C GLU B 143 26.25 1.03 -2.07
N ALA B 144 26.55 1.26 -0.79
CA ALA B 144 26.76 0.15 0.13
C ALA B 144 25.48 -0.66 0.30
N LEU B 145 24.34 0.01 0.46
CA LEU B 145 23.08 -0.71 0.61
C LEU B 145 22.81 -1.57 -0.61
N LYS B 146 22.95 -1.00 -1.82
CA LYS B 146 22.68 -1.75 -3.03
C LYS B 146 23.60 -2.96 -3.14
N GLU B 147 24.88 -2.78 -2.82
CA GLU B 147 25.81 -3.90 -2.87
C GLU B 147 25.43 -4.98 -1.88
N MET B 148 25.01 -4.60 -0.68
CA MET B 148 24.59 -5.60 0.31
C MET B 148 23.38 -6.38 -0.21
N LEU B 149 22.42 -5.68 -0.81
CA LEU B 149 21.24 -6.36 -1.32
C LEU B 149 21.60 -7.29 -2.48
N GLU B 150 22.46 -6.84 -3.39
CA GLU B 150 22.86 -7.68 -4.51
C GLU B 150 23.61 -8.91 -4.02
N ALA B 151 24.47 -8.73 -3.01
CA ALA B 151 25.19 -9.88 -2.44
C ALA B 151 24.25 -10.82 -1.71
N GLU B 152 23.20 -10.29 -1.09
CA GLU B 152 22.21 -11.11 -0.41
C GLU B 152 21.46 -11.98 -1.41
#